data_4PUB
#
_entry.id   4PUB
#
_cell.length_a   45.930
_cell.length_b   60.540
_cell.length_c   150.490
_cell.angle_alpha   90.000
_cell.angle_beta   90.000
_cell.angle_gamma   90.000
#
_symmetry.space_group_name_H-M   'P 21 21 21'
#
loop_
_entity.id
_entity.type
_entity.pdbx_description
1 polymer 'DX-2930 HEAVY CHAIN'
2 polymer 'DX-2930 LIGHT CHAIN'
3 non-polymer 'CHLORIDE ION'
4 water water
#
loop_
_entity_poly.entity_id
_entity_poly.type
_entity_poly.pdbx_seq_one_letter_code
_entity_poly.pdbx_strand_id
1 'polypeptide(L)'
;EVQLLESGGGLVQPGGSLRLSCAASGFTFSHYIMMWVRQAPGKGLEWVSGIYSSGGITVYADSVKGRFTISRDNSKNTLY
LQMNSLRAEDTAVYYCAYRRIGVPRRDEFDIWGQGTMVTVSSASTKGPSVFPLAPSSKSTSGGTAALGCLVKDYFPEPVT
VSWNSGALTSGVHTFPAVLQSSGLYSLSSVVTVPSSSLGTQTYICNVNHKPSNTKVDKRVEPKSC
;
H
2 'polypeptide(L)'
;DIQMTQSPSTLSASVGDRVTITCRASQSISSWLAWYQQKPGKAPKLLIYKASTLESGVPSRFSGSGSGTEFTLTISSLQP
DDFATYYCQQYNTYWTFGQGTKVEIKRTVAAPSVFIFPPSDEQLKSGTASVVCLLNNFYPREAKVQWKVDNALQSGNSQE
SVTEQDSKDSTYSLSSTLTLSKADYEKHKVYACEVTHQGLSSPVTKSFNRGEC
;
L
#
# COMPACT_ATOMS: atom_id res chain seq x y z
N VAL A 2 15.88 -21.93 13.55
CA VAL A 2 15.38 -20.73 14.29
C VAL A 2 13.97 -20.33 13.88
N GLN A 3 13.10 -20.07 14.86
CA GLN A 3 11.87 -19.33 14.59
C GLN A 3 11.75 -18.14 15.55
N LEU A 4 11.23 -17.01 15.05
CA LEU A 4 10.87 -15.88 15.90
C LEU A 4 9.35 -15.73 15.89
N LEU A 5 8.77 -15.79 17.07
CA LEU A 5 7.33 -15.68 17.23
C LEU A 5 6.98 -14.32 17.86
N GLU A 6 6.32 -13.48 17.10
CA GLU A 6 5.90 -12.14 17.58
C GLU A 6 4.46 -12.06 18.06
N SER A 7 4.25 -11.14 18.99
CA SER A 7 2.93 -10.89 19.56
CA SER A 7 2.93 -10.89 19.55
C SER A 7 2.96 -9.56 20.28
N GLY A 8 1.77 -9.14 20.76
CA GLY A 8 1.63 -7.89 21.53
C GLY A 8 1.04 -6.70 20.73
N GLY A 9 0.98 -6.82 19.41
CA GLY A 9 0.39 -5.77 18.57
C GLY A 9 -1.12 -5.76 18.72
N GLY A 10 -1.73 -4.59 18.53
CA GLY A 10 -3.17 -4.45 18.61
C GLY A 10 -3.56 -3.02 18.37
N LEU A 11 -4.83 -2.75 18.64
CA LEU A 11 -5.41 -1.44 18.50
C LEU A 11 -5.30 -0.69 19.85
N VAL A 12 -4.81 0.55 19.79
CA VAL A 12 -4.75 1.39 20.95
C VAL A 12 -5.07 2.86 20.56
N GLN A 13 -5.63 3.62 21.49
CA GLN A 13 -5.92 5.00 21.24
C GLN A 13 -4.62 5.82 21.26
N PRO A 14 -4.62 6.96 20.57
CA PRO A 14 -3.47 7.87 20.75
C PRO A 14 -3.17 8.14 22.21
N GLY A 15 -1.89 8.23 22.51
CA GLY A 15 -1.47 8.43 23.86
C GLY A 15 -1.29 7.15 24.66
N GLY A 16 -1.74 6.03 24.10
CA GLY A 16 -1.70 4.77 24.82
C GLY A 16 -0.35 4.04 24.70
N SER A 17 -0.33 2.80 25.14
CA SER A 17 0.93 2.03 25.17
CA SER A 17 0.93 2.01 25.26
C SER A 17 0.71 0.58 24.84
N LEU A 18 1.76 -0.07 24.35
CA LEU A 18 1.75 -1.49 23.99
C LEU A 18 3.11 -2.07 24.31
N ARG A 19 3.21 -3.36 24.58
CA ARG A 19 4.50 -4.02 24.69
CA ARG A 19 4.51 -4.02 24.68
C ARG A 19 4.58 -5.16 23.69
N LEU A 20 5.48 -5.05 22.71
CA LEU A 20 5.68 -6.11 21.74
C LEU A 20 6.67 -7.13 22.28
N SER A 21 6.44 -8.38 21.91
CA SER A 21 7.33 -9.51 22.20
C SER A 21 7.73 -10.27 20.94
N CYS A 22 8.93 -10.82 21.00
CA CYS A 22 9.51 -11.58 19.89
C CYS A 22 10.30 -12.74 20.51
N ALA A 23 9.73 -13.96 20.45
CA ALA A 23 10.31 -15.10 21.17
C ALA A 23 10.99 -16.05 20.23
N ALA A 24 12.25 -16.37 20.54
CA ALA A 24 13.07 -17.21 19.70
C ALA A 24 12.99 -18.68 20.11
N SER A 25 12.99 -19.56 19.11
CA SER A 25 13.01 -21.01 19.33
CA SER A 25 12.96 -21.02 19.30
C SER A 25 13.84 -21.69 18.24
N GLY A 26 14.67 -22.66 18.65
CA GLY A 26 15.54 -23.41 17.72
C GLY A 26 17.02 -23.04 17.77
N HIS A 31 26.53 -15.09 20.06
CA HIS A 31 26.41 -13.63 19.97
C HIS A 31 25.26 -13.21 19.04
N TYR A 32 24.60 -12.10 19.36
CA TYR A 32 23.45 -11.62 18.57
C TYR A 32 23.41 -10.07 18.52
N ILE A 33 22.79 -9.56 17.47
CA ILE A 33 22.26 -8.20 17.46
C ILE A 33 20.78 -8.36 17.17
N MET A 34 19.94 -7.70 17.94
CA MET A 34 18.49 -7.80 17.73
C MET A 34 17.89 -6.43 17.42
N MET A 35 17.04 -6.40 16.40
CA MET A 35 16.47 -5.16 15.90
C MET A 35 14.94 -5.20 15.86
N TRP A 36 14.34 -4.02 15.99
CA TRP A 36 12.98 -3.79 15.57
C TRP A 36 13.00 -2.86 14.37
N VAL A 37 12.18 -3.22 13.36
CA VAL A 37 12.03 -2.53 12.09
C VAL A 37 10.54 -2.45 11.80
N ARG A 38 10.04 -1.29 11.36
CA ARG A 38 8.62 -1.13 11.12
C ARG A 38 8.29 -0.65 9.72
N GLN A 39 7.06 -0.91 9.30
CA GLN A 39 6.59 -0.49 8.00
C GLN A 39 5.16 0.03 8.06
N ALA A 40 5.02 1.35 7.92
CA ALA A 40 3.70 1.98 7.91
C ALA A 40 3.02 1.64 6.55
N PRO A 41 1.69 1.65 6.51
CA PRO A 41 0.96 1.36 5.28
C PRO A 41 1.40 2.20 4.09
N GLY A 42 1.79 1.52 3.03
CA GLY A 42 2.26 2.22 1.86
C GLY A 42 3.68 2.78 1.92
N LYS A 43 4.43 2.51 2.99
CA LYS A 43 5.72 3.17 3.17
C LYS A 43 6.85 2.15 3.17
N GLY A 44 8.08 2.65 3.21
CA GLY A 44 9.25 1.78 3.23
C GLY A 44 9.57 1.23 4.61
N LEU A 45 10.60 0.40 4.68
CA LEU A 45 11.09 -0.14 5.95
C LEU A 45 11.79 0.96 6.75
N GLU A 46 11.57 0.97 8.07
CA GLU A 46 12.17 1.94 8.98
C GLU A 46 12.75 1.27 10.19
N TRP A 47 14.07 1.33 10.32
CA TRP A 47 14.71 0.79 11.53
C TRP A 47 14.30 1.67 12.71
N VAL A 48 13.87 1.04 13.81
CA VAL A 48 13.61 1.83 15.00
C VAL A 48 14.39 1.60 16.28
N SER A 49 14.84 0.38 16.57
CA SER A 49 15.62 0.17 17.77
C SER A 49 16.47 -1.09 17.66
N GLY A 50 17.56 -1.11 18.41
CA GLY A 50 18.44 -2.26 18.46
C GLY A 50 19.11 -2.50 19.79
N ILE A 51 19.44 -3.75 20.03
CA ILE A 51 20.20 -4.16 21.21
C ILE A 51 21.29 -5.12 20.76
N TYR A 52 22.52 -4.84 21.17
CA TYR A 52 23.70 -5.50 20.65
C TYR A 52 24.23 -6.43 21.72
N GLY A 55 26.81 -7.12 26.86
CA GLY A 55 26.83 -5.72 27.29
C GLY A 55 25.46 -5.06 27.31
N GLY A 56 24.54 -5.52 26.43
CA GLY A 56 23.20 -4.99 26.34
C GLY A 56 23.15 -3.52 25.90
N ILE A 57 24.03 -3.12 24.98
CA ILE A 57 24.03 -1.76 24.45
C ILE A 57 22.72 -1.54 23.69
N THR A 58 22.00 -0.46 23.99
CA THR A 58 20.74 -0.15 23.29
C THR A 58 20.84 1.15 22.50
N VAL A 59 20.22 1.17 21.32
CA VAL A 59 20.16 2.35 20.45
C VAL A 59 18.75 2.49 19.82
N TYR A 60 18.45 3.72 19.43
CA TYR A 60 17.11 4.12 18.97
C TYR A 60 17.24 5.03 17.78
N ALA A 61 16.25 4.97 16.92
CA ALA A 61 16.07 5.98 15.88
C ALA A 61 15.51 7.24 16.51
N ASP A 62 15.77 8.38 15.89
CA ASP A 62 15.31 9.66 16.44
C ASP A 62 13.76 9.70 16.52
N SER A 63 13.11 9.01 15.60
CA SER A 63 11.64 9.01 15.52
C SER A 63 10.92 8.42 16.73
N VAL A 64 11.61 7.59 17.53
CA VAL A 64 10.98 6.89 18.62
C VAL A 64 11.72 7.14 19.92
N LYS A 65 12.88 7.78 19.86
CA LYS A 65 13.67 8.00 21.04
C LYS A 65 12.86 8.72 22.13
N GLY A 66 12.96 8.26 23.35
CA GLY A 66 12.19 8.83 24.47
C GLY A 66 10.80 8.25 24.66
N ARG A 67 10.33 7.47 23.70
CA ARG A 67 9.01 6.83 23.82
C ARG A 67 9.05 5.30 23.85
N PHE A 68 9.99 4.69 23.10
CA PHE A 68 10.09 3.24 23.05
C PHE A 68 11.32 2.78 23.84
N THR A 69 11.25 1.59 24.41
CA THR A 69 12.35 0.97 25.09
C THR A 69 12.52 -0.49 24.66
N ILE A 70 13.72 -0.80 24.18
CA ILE A 70 14.07 -2.17 23.82
C ILE A 70 14.70 -2.90 25.00
N SER A 71 14.35 -4.18 25.18
CA SER A 71 14.97 -5.04 26.20
C SER A 71 14.90 -6.52 25.80
N ARG A 72 15.64 -7.34 26.53
CA ARG A 72 15.63 -8.79 26.31
C ARG A 72 15.59 -9.51 27.65
N ASP A 73 14.93 -10.65 27.68
CA ASP A 73 14.97 -11.59 28.82
C ASP A 73 15.64 -12.84 28.30
N ASN A 74 16.93 -12.98 28.62
CA ASN A 74 17.73 -14.12 28.17
C ASN A 74 17.20 -15.48 28.66
N SER A 75 16.60 -15.48 29.85
CA SER A 75 16.02 -16.71 30.41
CA SER A 75 15.98 -16.68 30.45
C SER A 75 14.80 -17.18 29.63
N LYS A 76 14.11 -16.25 28.96
CA LYS A 76 12.94 -16.59 28.16
C LYS A 76 13.26 -16.58 26.65
N ASN A 77 14.52 -16.31 26.29
CA ASN A 77 14.91 -16.16 24.90
C ASN A 77 13.94 -15.19 24.14
N THR A 78 13.62 -14.07 24.77
CA THR A 78 12.55 -13.17 24.30
C THR A 78 13.01 -11.69 24.27
N LEU A 79 12.73 -11.04 23.14
CA LEU A 79 13.06 -9.63 22.91
C LEU A 79 11.77 -8.80 23.05
N TYR A 80 11.85 -7.64 23.69
CA TYR A 80 10.69 -6.78 23.84
C TYR A 80 10.85 -5.40 23.25
N LEU A 81 9.72 -4.75 23.00
CA LEU A 81 9.69 -3.33 22.65
C LEU A 81 8.51 -2.72 23.39
N GLN A 82 8.82 -1.89 24.38
CA GLN A 82 7.81 -1.14 25.14
C GLN A 82 7.57 0.15 24.39
N MET A 83 6.33 0.38 23.96
CA MET A 83 5.94 1.54 23.18
C MET A 83 4.96 2.41 23.97
N ASN A 84 5.41 3.59 24.39
CA ASN A 84 4.57 4.52 25.14
C ASN A 84 4.27 5.76 24.29
N SER A 85 3.26 6.53 24.71
CA SER A 85 2.91 7.80 24.06
C SER A 85 2.68 7.62 22.56
N LEU A 86 1.91 6.60 22.19
CA LEU A 86 1.73 6.27 20.77
C LEU A 86 0.94 7.33 19.99
N ARG A 87 1.26 7.43 18.72
CA ARG A 87 0.70 8.43 17.82
C ARG A 87 0.22 7.71 16.55
N ALA A 88 -0.68 8.38 15.83
CA ALA A 88 -1.16 7.88 14.52
C ALA A 88 -0.02 7.37 13.64
N GLU A 89 1.08 8.12 13.58
CA GLU A 89 2.15 7.79 12.64
C GLU A 89 2.95 6.56 13.06
N ASP A 90 2.66 6.02 14.24
CA ASP A 90 3.32 4.80 14.69
C ASP A 90 2.58 3.57 14.18
N THR A 91 1.43 3.77 13.53
CA THR A 91 0.66 2.66 12.95
C THR A 91 1.53 2.01 11.88
N ALA A 92 1.76 0.71 12.02
CA ALA A 92 2.68 -0.01 11.17
C ALA A 92 2.67 -1.49 11.54
N VAL A 93 3.24 -2.31 10.64
CA VAL A 93 3.68 -3.63 11.00
C VAL A 93 5.07 -3.57 11.63
N TYR A 94 5.23 -4.17 12.81
CA TYR A 94 6.52 -4.20 13.50
C TYR A 94 7.20 -5.59 13.38
N TYR A 95 8.37 -5.64 12.77
CA TYR A 95 9.14 -6.88 12.65
C TYR A 95 10.28 -6.90 13.64
N CYS A 96 10.62 -8.06 14.21
CA CYS A 96 11.89 -8.24 14.86
C CYS A 96 12.84 -8.99 13.94
N ALA A 97 14.13 -8.69 14.02
CA ALA A 97 15.11 -9.37 13.23
C ALA A 97 16.31 -9.68 14.14
N TYR A 98 16.88 -10.86 13.97
CA TYR A 98 18.09 -11.28 14.70
C TYR A 98 19.21 -11.33 13.66
N ARG A 99 20.35 -10.74 14.00
CA ARG A 99 21.49 -10.64 13.05
C ARG A 99 22.70 -11.26 13.72
N ARG A 100 23.38 -12.16 13.00
CA ARG A 100 24.51 -12.94 13.52
C ARG A 100 25.68 -11.99 13.76
N ILE A 101 26.32 -12.12 14.93
CA ILE A 101 27.45 -11.27 15.34
C ILE A 101 28.68 -12.14 15.56
N ARG A 106 23.73 -21.49 12.67
CA ARG A 106 23.27 -21.69 11.29
C ARG A 106 24.10 -20.88 10.29
N ASP A 107 24.00 -21.26 9.02
CA ASP A 107 24.56 -20.46 7.95
C ASP A 107 23.68 -19.19 7.62
N GLU A 108 22.56 -18.94 8.30
CA GLU A 108 21.75 -17.68 8.08
C GLU A 108 22.32 -16.44 8.81
N PHE A 109 22.42 -15.31 8.11
CA PHE A 109 22.93 -14.07 8.67
C PHE A 109 21.82 -13.32 9.44
N ASP A 110 20.62 -13.33 8.84
CA ASP A 110 19.39 -12.73 9.40
C ASP A 110 18.37 -13.81 9.70
N ILE A 111 17.57 -13.59 10.75
CA ILE A 111 16.33 -14.32 10.99
C ILE A 111 15.29 -13.25 11.24
N TRP A 112 14.19 -13.31 10.49
CA TRP A 112 13.11 -12.36 10.65
C TRP A 112 11.82 -12.95 11.19
N GLY A 113 11.18 -12.18 12.05
CA GLY A 113 9.82 -12.49 12.45
C GLY A 113 8.84 -12.16 11.35
N GLN A 114 7.61 -12.62 11.50
CA GLN A 114 6.53 -12.38 10.53
C GLN A 114 5.78 -11.07 10.66
N GLY A 115 6.00 -10.35 11.76
CA GLY A 115 5.43 -9.06 11.99
C GLY A 115 4.22 -9.10 12.89
N THR A 116 4.01 -8.03 13.65
CA THR A 116 2.78 -7.88 14.41
C THR A 116 2.23 -6.50 14.11
N MET A 117 0.92 -6.41 13.90
CA MET A 117 0.31 -5.15 13.45
C MET A 117 -0.01 -4.26 14.64
N VAL A 118 0.40 -3.00 14.57
CA VAL A 118 0.03 -1.98 15.56
C VAL A 118 -0.81 -0.88 14.91
N THR A 119 -1.97 -0.59 15.49
CA THR A 119 -2.90 0.41 14.95
C THR A 119 -3.17 1.43 16.08
N VAL A 120 -2.85 2.69 15.82
CA VAL A 120 -3.06 3.75 16.80
C VAL A 120 -4.22 4.61 16.26
N SER A 121 -5.39 4.50 16.91
CA SER A 121 -6.60 5.15 16.46
C SER A 121 -7.62 5.13 17.60
N SER A 122 -8.47 6.15 17.67
CA SER A 122 -9.57 6.09 18.61
C SER A 122 -10.89 5.70 17.91
N ALA A 123 -10.84 5.33 16.64
CA ALA A 123 -12.08 4.88 15.95
C ALA A 123 -12.63 3.59 16.59
N SER A 124 -13.95 3.43 16.51
CA SER A 124 -14.61 2.23 17.00
C SER A 124 -15.05 1.40 15.78
N THR A 125 -15.26 0.10 15.99
CA THR A 125 -15.79 -0.75 14.94
C THR A 125 -17.06 -0.19 14.35
N LYS A 126 -17.07 -0.08 13.03
CA LYS A 126 -18.18 0.51 12.30
C LYS A 126 -18.30 -0.11 10.89
N GLY A 127 -19.52 -0.56 10.53
CA GLY A 127 -19.77 -1.11 9.23
C GLY A 127 -19.80 -0.01 8.15
N PRO A 128 -19.50 -0.38 6.90
CA PRO A 128 -19.50 0.61 5.83
C PRO A 128 -20.89 0.99 5.33
N SER A 129 -20.97 2.23 4.83
CA SER A 129 -22.05 2.62 3.94
C SER A 129 -21.77 1.97 2.58
N VAL A 130 -22.77 1.71 1.76
CA VAL A 130 -22.55 1.19 0.43
C VAL A 130 -23.38 1.99 -0.57
N PHE A 131 -22.71 2.79 -1.40
CA PHE A 131 -23.38 3.71 -2.32
C PHE A 131 -23.13 3.23 -3.73
N PRO A 132 -24.13 3.39 -4.60
CA PRO A 132 -23.97 2.92 -5.95
C PRO A 132 -23.15 3.90 -6.77
N LEU A 133 -22.34 3.34 -7.67
CA LEU A 133 -21.65 4.10 -8.74
C LEU A 133 -22.29 3.71 -10.05
N ALA A 134 -23.34 4.46 -10.41
CA ALA A 134 -24.25 4.07 -11.46
C ALA A 134 -23.68 4.34 -12.82
N PRO A 135 -23.86 3.38 -13.74
CA PRO A 135 -23.43 3.65 -15.10
C PRO A 135 -24.41 4.62 -15.76
N SER A 136 -23.87 5.50 -16.60
CA SER A 136 -24.67 6.45 -17.37
C SER A 136 -23.85 6.73 -18.60
N SER A 137 -24.28 7.70 -19.40
CA SER A 137 -23.42 8.21 -20.48
C SER A 137 -22.04 8.71 -19.98
N LYS A 138 -21.96 9.27 -18.74
CA LYS A 138 -20.66 9.80 -18.17
C LYS A 138 -19.62 8.70 -17.80
N SER A 139 -20.15 7.46 -17.77
CA SER A 139 -19.31 6.25 -17.63
CA SER A 139 -19.32 6.26 -17.63
C SER A 139 -19.63 5.20 -18.70
N THR A 140 -19.71 5.65 -19.97
CA THR A 140 -19.95 4.73 -21.11
C THR A 140 -19.16 5.16 -22.36
N SER A 141 -18.02 4.49 -22.56
CA SER A 141 -17.06 4.77 -23.64
C SER A 141 -17.06 3.60 -24.63
N GLY A 142 -17.47 3.88 -25.87
CA GLY A 142 -17.31 2.94 -27.00
C GLY A 142 -17.77 1.50 -26.77
N GLY A 143 -19.03 1.34 -26.40
CA GLY A 143 -19.60 0.02 -26.16
C GLY A 143 -19.41 -0.52 -24.74
N THR A 144 -18.55 0.13 -23.95
CA THR A 144 -18.25 -0.35 -22.60
C THR A 144 -18.67 0.64 -21.50
N ALA A 145 -19.30 0.11 -20.47
CA ALA A 145 -19.76 0.94 -19.35
C ALA A 145 -19.01 0.54 -18.10
N ALA A 146 -18.78 1.51 -17.20
CA ALA A 146 -18.24 1.23 -15.89
C ALA A 146 -19.32 1.46 -14.85
N LEU A 147 -19.33 0.59 -13.85
CA LEU A 147 -20.18 0.72 -12.68
C LEU A 147 -19.49 0.23 -11.43
N GLY A 148 -20.05 0.55 -10.28
CA GLY A 148 -19.41 0.09 -9.07
C GLY A 148 -20.15 0.39 -7.80
N CYS A 149 -19.45 0.18 -6.70
CA CYS A 149 -19.98 0.49 -5.34
C CYS A 149 -18.89 1.19 -4.55
N LEU A 150 -19.30 2.28 -3.89
CA LEU A 150 -18.42 2.96 -2.93
C LEU A 150 -18.72 2.50 -1.53
N VAL A 151 -17.67 2.01 -0.87
CA VAL A 151 -17.75 1.29 0.41
C VAL A 151 -17.02 2.20 1.42
N LYS A 152 -17.81 3.01 2.10
CA LYS A 152 -17.33 4.21 2.78
C LYS A 152 -17.58 4.19 4.25
N ASP A 153 -16.56 4.61 5.01
CA ASP A 153 -16.67 4.95 6.43
C ASP A 153 -16.80 3.74 7.29
N TYR A 154 -15.86 2.82 7.15
CA TYR A 154 -15.76 1.64 8.00
C TYR A 154 -14.47 1.58 8.81
N PHE A 155 -14.52 0.78 9.86
CA PHE A 155 -13.34 0.54 10.71
C PHE A 155 -13.55 -0.75 11.48
N PRO A 156 -12.50 -1.58 11.63
CA PRO A 156 -11.18 -1.48 11.05
C PRO A 156 -11.17 -2.20 9.71
N GLU A 157 -10.02 -2.30 9.10
CA GLU A 157 -9.89 -3.15 7.93
CA GLU A 157 -9.92 -3.15 7.93
C GLU A 157 -10.09 -4.60 8.34
N PRO A 158 -10.49 -5.47 7.38
CA PRO A 158 -10.73 -5.24 5.94
C PRO A 158 -12.20 -5.36 5.59
N VAL A 159 -12.54 -4.97 4.37
CA VAL A 159 -13.81 -5.36 3.76
C VAL A 159 -13.51 -6.23 2.55
N THR A 160 -14.45 -7.05 2.15
CA THR A 160 -14.38 -7.76 0.90
C THR A 160 -15.59 -7.40 0.07
N VAL A 161 -15.40 -7.37 -1.26
CA VAL A 161 -16.47 -7.14 -2.20
C VAL A 161 -16.51 -8.22 -3.26
N SER A 162 -17.68 -8.77 -3.54
CA SER A 162 -17.95 -9.58 -4.71
C SER A 162 -18.98 -8.95 -5.62
N TRP A 163 -19.08 -9.49 -6.82
CA TRP A 163 -20.11 -9.08 -7.72
C TRP A 163 -20.92 -10.28 -8.13
N ASN A 164 -22.23 -10.08 -8.13
CA ASN A 164 -23.20 -11.13 -8.42
C ASN A 164 -22.86 -12.44 -7.69
N SER A 165 -22.54 -12.30 -6.40
CA SER A 165 -22.22 -13.42 -5.52
C SER A 165 -21.06 -14.31 -6.01
N GLY A 166 -20.14 -13.71 -6.77
CA GLY A 166 -18.96 -14.40 -7.22
C GLY A 166 -19.09 -14.78 -8.68
N ALA A 167 -20.26 -14.58 -9.27
CA ALA A 167 -20.50 -14.94 -10.68
C ALA A 167 -19.87 -13.99 -11.69
N LEU A 168 -19.55 -12.77 -11.26
CA LEU A 168 -18.89 -11.79 -12.10
C LEU A 168 -17.54 -11.48 -11.52
N THR A 169 -16.50 -11.86 -12.21
CA THR A 169 -15.11 -11.66 -11.74
C THR A 169 -14.32 -10.92 -12.80
N SER A 170 -14.70 -11.12 -14.07
CA SER A 170 -14.02 -10.49 -15.17
C SER A 170 -14.25 -8.98 -15.19
N GLY A 171 -13.15 -8.21 -15.27
CA GLY A 171 -13.25 -6.72 -15.32
C GLY A 171 -13.33 -6.04 -13.98
N VAL A 172 -13.34 -6.83 -12.90
CA VAL A 172 -13.54 -6.27 -11.56
C VAL A 172 -12.24 -5.70 -11.01
N HIS A 173 -12.31 -4.49 -10.47
CA HIS A 173 -11.16 -3.92 -9.71
C HIS A 173 -11.65 -3.40 -8.39
N THR A 174 -11.16 -4.00 -7.30
CA THR A 174 -11.49 -3.53 -5.97
C THR A 174 -10.25 -2.84 -5.45
N PHE A 175 -10.35 -1.53 -5.22
CA PHE A 175 -9.19 -0.68 -4.87
C PHE A 175 -8.73 -0.89 -3.44
N PRO A 176 -7.44 -0.73 -3.18
CA PRO A 176 -6.96 -0.61 -1.80
C PRO A 176 -7.67 0.52 -1.04
N ALA A 177 -7.95 0.25 0.22
CA ALA A 177 -8.57 1.25 1.07
C ALA A 177 -7.68 2.46 1.28
N VAL A 178 -8.29 3.60 1.42
CA VAL A 178 -7.60 4.82 1.90
C VAL A 178 -8.15 5.14 3.31
N LEU A 179 -7.24 5.60 4.16
CA LEU A 179 -7.63 6.17 5.44
C LEU A 179 -8.01 7.61 5.30
N GLN A 180 -9.27 7.92 5.63
CA GLN A 180 -9.77 9.28 5.57
C GLN A 180 -9.32 10.10 6.77
N SER A 181 -9.42 11.41 6.67
CA SER A 181 -9.01 12.26 7.78
C SER A 181 -9.93 12.09 9.00
N SER A 182 -11.12 11.54 8.78
CA SER A 182 -12.03 11.16 9.85
C SER A 182 -11.52 9.99 10.69
N GLY A 183 -10.55 9.24 10.17
CA GLY A 183 -10.10 7.99 10.77
C GLY A 183 -10.79 6.70 10.36
N LEU A 184 -11.76 6.81 9.47
CA LEU A 184 -12.42 5.68 8.89
C LEU A 184 -11.92 5.41 7.49
N TYR A 185 -12.02 4.17 7.11
CA TYR A 185 -11.54 3.73 5.80
C TYR A 185 -12.63 3.89 4.73
N SER A 186 -12.17 3.98 3.48
CA SER A 186 -13.07 3.98 2.33
C SER A 186 -12.42 3.30 1.12
N LEU A 187 -13.22 2.61 0.32
CA LEU A 187 -12.75 2.16 -0.99
C LEU A 187 -13.90 2.04 -1.98
N SER A 188 -13.56 1.96 -3.26
CA SER A 188 -14.58 1.60 -4.26
C SER A 188 -14.20 0.27 -4.92
N SER A 189 -15.22 -0.42 -5.38
CA SER A 189 -15.05 -1.57 -6.26
C SER A 189 -15.79 -1.27 -7.52
N VAL A 190 -15.14 -1.47 -8.66
CA VAL A 190 -15.72 -1.19 -9.96
C VAL A 190 -15.61 -2.40 -10.89
N VAL A 191 -16.44 -2.35 -11.92
CA VAL A 191 -16.42 -3.37 -12.98
C VAL A 191 -16.77 -2.72 -14.32
N THR A 192 -16.14 -3.19 -15.40
CA THR A 192 -16.53 -2.75 -16.74
C THR A 192 -17.28 -3.87 -17.43
N VAL A 193 -18.38 -3.51 -18.06
CA VAL A 193 -19.25 -4.48 -18.72
C VAL A 193 -19.60 -3.94 -20.11
N PRO A 194 -20.16 -4.81 -20.97
CA PRO A 194 -20.72 -4.31 -22.24
C PRO A 194 -21.83 -3.35 -21.99
N SER A 195 -21.79 -2.19 -22.62
CA SER A 195 -22.93 -1.26 -22.48
C SER A 195 -24.20 -1.94 -22.96
N SER A 196 -24.09 -2.86 -23.92
CA SER A 196 -25.23 -3.69 -24.37
C SER A 196 -25.88 -4.57 -23.27
N SER A 197 -25.15 -4.89 -22.19
CA SER A 197 -25.71 -5.71 -21.11
C SER A 197 -26.53 -4.93 -20.05
N LEU A 198 -26.55 -3.61 -20.15
CA LEU A 198 -27.12 -2.76 -19.09
C LEU A 198 -28.63 -2.86 -18.83
N GLY A 199 -29.40 -3.22 -19.86
CA GLY A 199 -30.83 -3.46 -19.71
C GLY A 199 -31.17 -4.93 -19.52
N THR A 200 -30.28 -5.80 -20.00
CA THR A 200 -30.41 -7.26 -19.85
C THR A 200 -30.04 -7.74 -18.44
N GLN A 201 -28.77 -7.53 -18.07
CA GLN A 201 -28.15 -8.17 -16.91
C GLN A 201 -28.17 -7.29 -15.66
N THR A 202 -28.47 -7.87 -14.49
CA THR A 202 -28.44 -7.10 -13.25
C THR A 202 -27.08 -7.21 -12.59
N TYR A 203 -26.68 -6.12 -11.94
CA TYR A 203 -25.37 -6.08 -11.27
C TYR A 203 -25.56 -5.70 -9.82
N ILE A 204 -25.04 -6.56 -8.94
CA ILE A 204 -25.16 -6.44 -7.51
C ILE A 204 -23.79 -6.58 -6.87
N CYS A 205 -23.40 -5.61 -6.05
CA CYS A 205 -22.19 -5.74 -5.29
C CYS A 205 -22.53 -6.34 -3.93
N ASN A 206 -21.70 -7.28 -3.49
CA ASN A 206 -21.90 -7.95 -2.20
C ASN A 206 -20.76 -7.52 -1.28
N VAL A 207 -21.07 -6.79 -0.23
CA VAL A 207 -20.02 -6.24 0.61
C VAL A 207 -20.06 -6.89 1.97
N ASN A 208 -18.91 -7.36 2.43
CA ASN A 208 -18.79 -7.99 3.75
CA ASN A 208 -18.77 -7.99 3.75
C ASN A 208 -17.73 -7.26 4.60
N HIS A 209 -18.11 -6.94 5.84
CA HIS A 209 -17.21 -6.38 6.80
C HIS A 209 -17.33 -7.20 8.07
N LYS A 210 -16.45 -8.19 8.19
CA LYS A 210 -16.59 -9.18 9.31
C LYS A 210 -16.58 -8.56 10.70
N PRO A 211 -15.74 -7.54 10.95
CA PRO A 211 -15.66 -7.01 12.31
C PRO A 211 -16.94 -6.45 12.83
N SER A 212 -17.79 -5.90 11.96
CA SER A 212 -19.11 -5.41 12.37
C SER A 212 -20.29 -6.36 12.03
N ASN A 213 -19.97 -7.54 11.54
CA ASN A 213 -20.97 -8.52 11.06
C ASN A 213 -21.94 -7.91 10.03
N THR A 214 -21.38 -7.13 9.12
CA THR A 214 -22.11 -6.44 8.10
C THR A 214 -22.04 -7.24 6.81
N LYS A 215 -23.17 -7.55 6.20
CA LYS A 215 -23.20 -8.13 4.84
C LYS A 215 -24.27 -7.44 4.06
N VAL A 216 -23.87 -6.72 3.03
CA VAL A 216 -24.78 -5.87 2.27
C VAL A 216 -24.80 -6.29 0.84
N ASP A 217 -25.99 -6.40 0.27
CA ASP A 217 -26.13 -6.49 -1.17
C ASP A 217 -26.72 -5.16 -1.71
N LYS A 218 -26.07 -4.59 -2.71
CA LYS A 218 -26.59 -3.41 -3.37
C LYS A 218 -26.71 -3.58 -4.87
N ARG A 219 -27.93 -3.37 -5.37
CA ARG A 219 -28.18 -3.34 -6.81
C ARG A 219 -27.74 -2.03 -7.37
N VAL A 220 -26.93 -2.05 -8.42
CA VAL A 220 -26.48 -0.87 -9.12
C VAL A 220 -27.22 -0.77 -10.45
N GLU A 221 -28.18 0.16 -10.47
CA GLU A 221 -29.13 0.33 -11.58
C GLU A 221 -28.58 1.39 -12.51
N PRO A 222 -28.67 1.17 -13.83
CA PRO A 222 -28.23 2.21 -14.77
C PRO A 222 -29.18 3.40 -14.86
N LYS A 223 -28.59 4.58 -15.03
CA LYS A 223 -29.31 5.79 -15.42
C LYS A 223 -29.50 5.83 -16.95
N ASP B 1 21.69 9.79 10.91
CA ASP B 1 22.48 10.63 9.97
C ASP B 1 23.12 9.97 8.74
N ILE B 2 23.03 8.64 8.53
CA ILE B 2 23.48 8.08 7.21
C ILE B 2 22.25 7.82 6.35
N GLN B 3 22.12 8.64 5.31
CA GLN B 3 21.02 8.59 4.36
C GLN B 3 21.40 7.66 3.21
N MET B 4 20.45 6.82 2.87
CA MET B 4 20.56 5.85 1.81
C MET B 4 19.51 6.12 0.71
N THR B 5 19.97 6.27 -0.53
CA THR B 5 19.12 6.58 -1.65
C THR B 5 19.31 5.59 -2.75
N GLN B 6 18.20 5.00 -3.20
CA GLN B 6 18.20 4.03 -4.30
C GLN B 6 17.78 4.65 -5.61
N SER B 7 18.29 4.10 -6.70
CA SER B 7 17.82 4.48 -8.02
C SER B 7 17.81 3.28 -8.97
N PRO B 8 16.80 3.22 -9.84
CA PRO B 8 15.59 4.07 -9.90
C PRO B 8 14.64 3.75 -8.75
N SER B 9 13.58 4.54 -8.58
CA SER B 9 12.51 4.18 -7.62
C SER B 9 11.60 3.06 -8.15
N THR B 10 11.43 3.01 -9.47
CA THR B 10 10.70 1.93 -10.17
C THR B 10 11.42 1.61 -11.45
N LEU B 11 11.48 0.33 -11.77
CA LEU B 11 12.13 -0.22 -12.90
C LEU B 11 11.12 -1.13 -13.59
N SER B 12 11.00 -1.02 -14.90
CA SER B 12 10.11 -1.85 -15.65
C SER B 12 10.92 -2.84 -16.44
N ALA B 13 10.60 -4.14 -16.31
CA ALA B 13 11.42 -5.16 -17.00
C ALA B 13 10.61 -6.38 -17.43
N SER B 14 11.27 -7.27 -18.18
CA SER B 14 10.70 -8.50 -18.71
C SER B 14 11.44 -9.70 -18.17
N VAL B 15 10.69 -10.80 -18.03
CA VAL B 15 11.29 -12.09 -17.68
C VAL B 15 12.45 -12.34 -18.62
N GLY B 16 13.57 -12.76 -18.07
CA GLY B 16 14.81 -13.01 -18.83
C GLY B 16 15.76 -11.84 -18.93
N ASP B 17 15.29 -10.64 -18.57
CA ASP B 17 16.13 -9.41 -18.58
C ASP B 17 17.21 -9.44 -17.47
N ARG B 18 18.34 -8.83 -17.76
CA ARG B 18 19.34 -8.51 -16.71
C ARG B 18 19.03 -7.13 -16.14
N VAL B 19 18.91 -7.04 -14.82
CA VAL B 19 18.42 -5.85 -14.15
C VAL B 19 19.42 -5.41 -13.09
N THR B 20 19.58 -4.10 -12.99
CA THR B 20 20.51 -3.45 -12.07
C THR B 20 19.81 -2.39 -11.23
N ILE B 21 19.98 -2.46 -9.90
CA ILE B 21 19.52 -1.43 -8.98
C ILE B 21 20.72 -0.83 -8.22
N THR B 22 20.72 0.50 -8.06
CA THR B 22 21.81 1.21 -7.44
C THR B 22 21.41 1.74 -6.07
N CYS B 23 22.38 1.76 -5.15
CA CYS B 23 22.19 2.29 -3.82
C CYS B 23 23.38 3.15 -3.45
N ARG B 24 23.09 4.37 -3.04
CA ARG B 24 24.08 5.32 -2.59
C ARG B 24 23.96 5.76 -1.14
N ALA B 25 25.11 5.88 -0.47
CA ALA B 25 25.20 6.30 0.90
C ALA B 25 25.73 7.72 0.98
N SER B 26 25.28 8.46 1.99
CA SER B 26 25.65 9.86 2.17
C SER B 26 27.10 10.03 2.67
N GLN B 27 27.65 8.99 3.27
CA GLN B 27 29.08 8.93 3.63
C GLN B 27 29.52 7.48 3.52
N SER B 28 30.83 7.23 3.51
CA SER B 28 31.28 5.85 3.28
C SER B 28 30.76 4.90 4.36
N ILE B 29 30.21 3.78 3.91
CA ILE B 29 29.88 2.67 4.81
C ILE B 29 30.74 1.43 4.57
N SER B 30 31.90 1.61 3.93
CA SER B 30 32.83 0.52 3.60
C SER B 30 32.11 -0.61 2.85
N SER B 31 32.05 -1.84 3.37
CA SER B 31 31.30 -2.90 2.72
C SER B 31 30.05 -3.34 3.54
N TRP B 32 29.66 -2.52 4.51
CA TRP B 32 28.56 -2.86 5.42
C TRP B 32 27.23 -2.50 4.81
N LEU B 33 26.88 -3.26 3.78
CA LEU B 33 25.65 -3.04 3.00
C LEU B 33 24.95 -4.34 2.70
N ALA B 34 23.63 -4.37 2.97
CA ALA B 34 22.80 -5.54 2.69
C ALA B 34 21.69 -5.20 1.70
N TRP B 35 21.26 -6.21 0.95
CA TRP B 35 20.13 -6.08 0.05
C TRP B 35 19.05 -7.03 0.44
N TYR B 36 17.80 -6.55 0.36
CA TYR B 36 16.58 -7.29 0.73
C TYR B 36 15.59 -7.35 -0.41
N GLN B 37 14.79 -8.42 -0.44
CA GLN B 37 13.58 -8.50 -1.23
C GLN B 37 12.32 -8.46 -0.36
N GLN B 38 11.31 -7.74 -0.78
CA GLN B 38 10.03 -7.79 -0.05
C GLN B 38 8.86 -7.89 -1.02
N LYS B 39 7.97 -8.81 -0.70
CA LYS B 39 6.69 -8.98 -1.42
C LYS B 39 5.57 -8.43 -0.57
N PRO B 40 4.48 -7.96 -1.24
CA PRO B 40 3.36 -7.42 -0.49
C PRO B 40 2.87 -8.40 0.56
N GLY B 41 2.67 -7.89 1.75
CA GLY B 41 2.20 -8.66 2.89
C GLY B 41 3.21 -9.45 3.71
N LYS B 42 4.50 -9.37 3.39
CA LYS B 42 5.42 -10.35 3.94
C LYS B 42 6.64 -9.65 4.51
N ALA B 43 7.30 -10.29 5.46
CA ALA B 43 8.59 -9.83 5.96
C ALA B 43 9.61 -9.78 4.81
N PRO B 44 10.54 -8.82 4.85
CA PRO B 44 11.65 -8.83 3.87
C PRO B 44 12.53 -10.06 4.06
N LYS B 45 13.21 -10.44 2.99
CA LYS B 45 14.11 -11.60 2.93
C LYS B 45 15.47 -11.05 2.58
N LEU B 46 16.49 -11.40 3.35
CA LEU B 46 17.88 -11.02 3.01
C LEU B 46 18.39 -11.78 1.80
N LEU B 47 18.98 -11.05 0.86
CA LEU B 47 19.59 -11.61 -0.38
C LEU B 47 21.10 -11.65 -0.30
N ILE B 48 21.67 -10.51 0.10
CA ILE B 48 23.14 -10.28 0.01
C ILE B 48 23.55 -9.47 1.22
N TYR B 49 24.67 -9.87 1.81
CA TYR B 49 25.29 -9.06 2.87
C TYR B 49 26.76 -8.79 2.63
N LYS B 50 27.32 -7.90 3.42
CA LYS B 50 28.68 -7.39 3.21
C LYS B 50 28.97 -7.08 1.73
N ALA B 51 28.00 -6.38 1.16
CA ALA B 51 27.95 -5.92 -0.21
C ALA B 51 27.86 -6.99 -1.30
N SER B 52 28.49 -8.14 -1.12
CA SER B 52 28.63 -9.14 -2.22
C SER B 52 28.40 -10.61 -1.80
N THR B 53 28.15 -10.87 -0.53
CA THR B 53 28.00 -12.23 -0.04
C THR B 53 26.57 -12.69 -0.19
N LEU B 54 26.38 -13.78 -0.94
CA LEU B 54 25.02 -14.34 -1.07
C LEU B 54 24.61 -15.09 0.20
N GLU B 55 23.45 -14.74 0.70
CA GLU B 55 22.88 -15.37 1.86
C GLU B 55 22.50 -16.81 1.50
N SER B 56 22.55 -17.65 2.52
CA SER B 56 22.22 -19.07 2.41
C SER B 56 20.89 -19.29 1.69
N GLY B 57 20.91 -20.12 0.65
CA GLY B 57 19.70 -20.52 -0.04
C GLY B 57 19.12 -19.54 -1.04
N VAL B 58 19.79 -18.42 -1.24
CA VAL B 58 19.26 -17.38 -2.13
C VAL B 58 19.77 -17.74 -3.55
N PRO B 59 18.89 -17.69 -4.56
CA PRO B 59 19.31 -17.98 -5.92
C PRO B 59 20.56 -17.25 -6.40
N SER B 60 21.42 -17.97 -7.09
CA SER B 60 22.66 -17.47 -7.64
C SER B 60 22.51 -16.40 -8.74
N ARG B 61 21.31 -16.19 -9.27
CA ARG B 61 21.12 -15.08 -10.20
C ARG B 61 21.21 -13.69 -9.53
N PHE B 62 21.09 -13.63 -8.21
CA PHE B 62 21.31 -12.35 -7.47
C PHE B 62 22.77 -12.16 -7.16
N SER B 63 23.31 -10.97 -7.45
CA SER B 63 24.69 -10.64 -7.01
C SER B 63 24.83 -9.17 -6.65
N GLY B 64 25.82 -8.90 -5.80
CA GLY B 64 26.01 -7.57 -5.25
C GLY B 64 27.45 -7.16 -5.45
N SER B 65 27.63 -5.88 -5.72
CA SER B 65 28.94 -5.34 -5.98
C SER B 65 29.02 -3.90 -5.48
N GLY B 66 30.23 -3.37 -5.39
CA GLY B 66 30.41 -2.01 -4.97
C GLY B 66 31.00 -1.89 -3.55
N SER B 67 31.21 -0.66 -3.13
CA SER B 67 31.77 -0.37 -1.80
C SER B 67 31.73 1.11 -1.55
N GLY B 68 31.99 1.52 -0.30
CA GLY B 68 32.15 2.93 0.04
C GLY B 68 30.81 3.65 0.02
N THR B 69 30.50 4.35 -1.07
CA THR B 69 29.20 5.04 -1.19
C THR B 69 28.30 4.60 -2.34
N GLU B 70 28.75 3.65 -3.15
CA GLU B 70 28.00 3.25 -4.30
C GLU B 70 27.97 1.73 -4.45
N PHE B 71 26.75 1.19 -4.46
CA PHE B 71 26.51 -0.23 -4.54
C PHE B 71 25.49 -0.57 -5.59
N THR B 72 25.63 -1.79 -6.13
CA THR B 72 24.77 -2.30 -7.15
C THR B 72 24.28 -3.71 -6.79
N LEU B 73 22.98 -3.92 -7.00
CA LEU B 73 22.39 -5.27 -7.03
C LEU B 73 22.11 -5.63 -8.47
N THR B 74 22.56 -6.80 -8.91
CA THR B 74 22.31 -7.28 -10.27
C THR B 74 21.51 -8.56 -10.21
N ILE B 75 20.44 -8.64 -11.01
CA ILE B 75 19.70 -9.91 -11.20
C ILE B 75 19.96 -10.32 -12.63
N SER B 76 20.62 -11.45 -12.82
CA SER B 76 21.18 -11.80 -14.13
C SER B 76 20.11 -12.16 -15.15
N SER B 77 19.04 -12.81 -14.70
CA SER B 77 17.95 -13.22 -15.60
C SER B 77 16.68 -13.27 -14.82
N LEU B 78 15.86 -12.28 -15.02
CA LEU B 78 14.72 -12.08 -14.17
C LEU B 78 13.69 -13.21 -14.30
N GLN B 79 13.18 -13.66 -13.17
CA GLN B 79 12.10 -14.64 -13.14
C GLN B 79 10.82 -14.04 -12.58
N PRO B 80 9.67 -14.72 -12.80
CA PRO B 80 8.43 -14.19 -12.23
C PRO B 80 8.44 -13.96 -10.74
N ASP B 81 9.24 -14.74 -9.99
CA ASP B 81 9.28 -14.56 -8.53
C ASP B 81 9.94 -13.26 -8.14
N ASP B 82 10.64 -12.64 -9.09
CA ASP B 82 11.53 -11.52 -8.78
C ASP B 82 10.84 -10.13 -8.87
N PHE B 83 9.63 -10.05 -9.43
CA PHE B 83 8.86 -8.82 -9.42
C PHE B 83 8.43 -8.58 -7.99
N ALA B 84 8.97 -7.49 -7.44
CA ALA B 84 8.93 -7.27 -6.01
C ALA B 84 9.55 -5.89 -5.74
N THR B 85 9.66 -5.53 -4.46
CA THR B 85 10.37 -4.34 -4.08
C THR B 85 11.70 -4.74 -3.39
N TYR B 86 12.75 -3.99 -3.69
CA TYR B 86 14.11 -4.26 -3.18
C TYR B 86 14.57 -3.10 -2.33
N TYR B 87 15.20 -3.38 -1.18
CA TYR B 87 15.72 -2.36 -0.27
C TYR B 87 17.19 -2.64 -0.01
N CYS B 88 18.03 -1.60 -0.09
CA CYS B 88 19.36 -1.70 0.50
C CYS B 88 19.30 -1.26 1.97
N GLN B 89 20.30 -1.70 2.73
CA GLN B 89 20.47 -1.35 4.12
C GLN B 89 21.90 -1.11 4.44
N GLN B 90 22.22 0.06 4.99
CA GLN B 90 23.55 0.19 5.57
C GLN B 90 23.55 -0.30 7.01
N TYR B 91 24.63 -0.97 7.42
CA TYR B 91 24.82 -1.37 8.80
C TYR B 91 26.21 -1.03 9.36
N ASN B 92 26.78 0.03 8.83
CA ASN B 92 27.98 0.69 9.37
C ASN B 92 27.69 1.27 10.77
N THR B 93 26.52 1.96 10.87
CA THR B 93 26.09 2.62 12.10
C THR B 93 24.59 2.39 12.29
N TYR B 94 24.27 1.49 13.21
CA TYR B 94 22.89 0.96 13.39
C TYR B 94 22.40 0.37 12.06
N TRP B 95 21.13 0.52 11.71
CA TRP B 95 20.63 0.14 10.40
C TRP B 95 19.91 1.33 9.83
N THR B 96 20.12 1.57 8.54
CA THR B 96 19.31 2.52 7.79
C THR B 96 18.96 1.89 6.45
N PHE B 97 17.68 1.93 6.10
CA PHE B 97 17.20 1.42 4.79
C PHE B 97 17.06 2.51 3.72
N GLY B 98 17.30 2.14 2.47
CA GLY B 98 16.98 3.02 1.35
C GLY B 98 15.48 2.99 1.15
N GLN B 99 14.99 3.80 0.21
CA GLN B 99 13.55 4.02 0.09
C GLN B 99 12.78 2.93 -0.67
N GLY B 100 13.49 1.97 -1.26
CA GLY B 100 12.85 0.88 -2.03
C GLY B 100 12.88 1.14 -3.51
N THR B 101 13.08 0.07 -4.26
CA THR B 101 12.94 0.06 -5.73
C THR B 101 11.98 -1.04 -6.11
N LYS B 102 10.89 -0.66 -6.78
CA LYS B 102 9.90 -1.60 -7.24
C LYS B 102 10.25 -2.07 -8.64
N VAL B 103 10.32 -3.37 -8.84
CA VAL B 103 10.56 -3.98 -10.16
C VAL B 103 9.21 -4.51 -10.65
N GLU B 104 8.72 -3.94 -11.75
CA GLU B 104 7.39 -4.28 -12.26
C GLU B 104 7.52 -4.78 -13.70
N ILE B 105 6.41 -5.29 -14.24
CA ILE B 105 6.42 -5.98 -15.52
C ILE B 105 6.22 -4.99 -16.65
N LYS B 106 7.14 -4.95 -17.59
CA LYS B 106 7.00 -4.11 -18.77
C LYS B 106 5.93 -4.61 -19.73
N ARG B 107 5.21 -3.70 -20.34
CA ARG B 107 4.28 -4.01 -21.42
C ARG B 107 4.07 -2.78 -22.31
N THR B 108 3.22 -2.89 -23.31
CA THR B 108 3.02 -1.80 -24.24
C THR B 108 2.23 -0.66 -23.53
N VAL B 109 2.37 0.56 -24.06
CA VAL B 109 1.55 1.69 -23.57
C VAL B 109 0.07 1.41 -23.78
N ALA B 110 -0.74 1.75 -22.77
CA ALA B 110 -2.18 1.71 -22.87
C ALA B 110 -2.78 2.92 -22.15
N ALA B 111 -3.54 3.69 -22.88
CA ALA B 111 -4.18 4.88 -22.27
C ALA B 111 -5.34 4.41 -21.37
N PRO B 112 -5.61 5.12 -20.29
CA PRO B 112 -6.75 4.80 -19.44
C PRO B 112 -8.06 5.14 -20.16
N SER B 113 -9.06 4.33 -19.91
CA SER B 113 -10.45 4.73 -20.17
C SER B 113 -10.88 5.45 -18.93
N VAL B 114 -11.51 6.60 -19.08
CA VAL B 114 -11.85 7.42 -17.99
C VAL B 114 -13.35 7.47 -17.77
N PHE B 115 -13.78 7.41 -16.51
CA PHE B 115 -15.21 7.42 -16.18
C PHE B 115 -15.42 8.30 -14.96
N ILE B 116 -16.51 9.09 -14.95
CA ILE B 116 -16.86 9.88 -13.76
C ILE B 116 -18.24 9.50 -13.20
N PHE B 117 -18.34 9.46 -11.87
CA PHE B 117 -19.57 9.13 -11.22
C PHE B 117 -20.03 10.23 -10.25
N PRO B 118 -21.16 10.87 -10.53
CA PRO B 118 -21.66 11.79 -9.49
C PRO B 118 -22.04 11.06 -8.18
N PRO B 119 -22.17 11.80 -7.07
CA PRO B 119 -22.68 11.15 -5.83
C PRO B 119 -24.10 10.75 -5.97
N SER B 120 -24.46 9.67 -5.29
CA SER B 120 -25.86 9.21 -5.26
C SER B 120 -26.69 10.15 -4.40
N ASP B 121 -27.96 10.31 -4.76
CA ASP B 121 -28.88 11.10 -3.94
C ASP B 121 -28.91 10.55 -2.52
N GLU B 122 -28.86 9.24 -2.48
CA GLU B 122 -28.77 8.46 -1.28
C GLU B 122 -27.66 8.95 -0.34
N GLN B 123 -26.43 9.05 -0.85
CA GLN B 123 -25.36 9.60 -0.05
C GLN B 123 -25.62 11.04 0.33
N LEU B 124 -26.16 11.85 -0.57
CA LEU B 124 -26.32 13.29 -0.25
C LEU B 124 -27.14 13.50 1.03
N LYS B 125 -28.12 12.63 1.24
CA LYS B 125 -28.86 12.58 2.51
C LYS B 125 -27.92 12.34 3.74
N SER B 126 -26.80 11.65 3.59
CA SER B 126 -25.77 11.61 4.64
C SER B 126 -25.11 12.98 4.99
N GLY B 127 -25.31 14.02 4.17
CA GLY B 127 -24.58 15.29 4.37
C GLY B 127 -23.21 15.42 3.67
N THR B 128 -22.82 14.41 2.89
CA THR B 128 -21.54 14.40 2.19
C THR B 128 -21.70 14.01 0.73
N ALA B 129 -20.80 14.50 -0.12
CA ALA B 129 -20.82 14.13 -1.53
C ALA B 129 -19.44 13.63 -1.88
N SER B 130 -19.41 12.42 -2.45
CA SER B 130 -18.19 11.85 -2.99
C SER B 130 -18.37 11.76 -4.49
N VAL B 131 -17.41 12.30 -5.21
CA VAL B 131 -17.41 12.24 -6.66
C VAL B 131 -16.24 11.36 -7.02
N VAL B 132 -16.52 10.34 -7.82
CA VAL B 132 -15.47 9.36 -8.14
C VAL B 132 -15.03 9.42 -9.61
N CYS B 133 -13.72 9.45 -9.81
CA CYS B 133 -13.11 9.39 -11.14
C CYS B 133 -12.32 8.10 -11.27
N LEU B 134 -12.66 7.28 -12.29
CA LEU B 134 -11.94 6.02 -12.52
C LEU B 134 -11.08 6.12 -13.77
N LEU B 135 -9.83 5.70 -13.67
CA LEU B 135 -8.91 5.52 -14.77
C LEU B 135 -8.68 4.04 -14.87
N ASN B 136 -9.12 3.42 -15.97
CA ASN B 136 -9.09 1.96 -16.04
C ASN B 136 -8.11 1.39 -17.04
N ASN B 137 -7.37 0.36 -16.57
CA ASN B 137 -6.55 -0.51 -17.38
C ASN B 137 -5.54 0.24 -18.23
N PHE B 138 -4.61 0.93 -17.54
CA PHE B 138 -3.62 1.73 -18.22
C PHE B 138 -2.17 1.27 -17.89
N TYR B 139 -1.25 1.69 -18.72
CA TYR B 139 0.13 1.40 -18.53
C TYR B 139 0.96 2.45 -19.32
N PRO B 140 2.02 3.03 -18.73
CA PRO B 140 2.57 2.76 -17.39
C PRO B 140 1.80 3.40 -16.26
N ARG B 141 2.29 3.21 -15.05
CA ARG B 141 1.54 3.57 -13.87
C ARG B 141 1.36 5.08 -13.68
N GLU B 142 2.31 5.84 -14.17
CA GLU B 142 2.31 7.28 -14.01
C GLU B 142 1.17 7.96 -14.72
N ALA B 143 0.40 8.71 -13.96
CA ALA B 143 -0.77 9.40 -14.47
C ALA B 143 -1.02 10.58 -13.53
N LYS B 144 -1.70 11.59 -14.07
CA LYS B 144 -2.14 12.74 -13.27
C LYS B 144 -3.65 12.99 -13.41
N VAL B 145 -4.31 13.20 -12.25
CA VAL B 145 -5.74 13.50 -12.18
C VAL B 145 -5.87 14.89 -11.59
N GLN B 146 -6.57 15.77 -12.28
CA GLN B 146 -6.94 17.08 -11.72
C GLN B 146 -8.43 17.18 -11.62
N TRP B 147 -8.92 17.64 -10.46
CA TRP B 147 -10.35 17.92 -10.33
C TRP B 147 -10.64 19.38 -10.63
N LYS B 148 -11.69 19.68 -11.38
CA LYS B 148 -12.14 21.06 -11.64
C LYS B 148 -13.62 21.18 -11.34
N VAL B 149 -13.98 22.24 -10.61
CA VAL B 149 -15.36 22.43 -10.19
C VAL B 149 -15.78 23.81 -10.73
N ASP B 150 -16.76 23.87 -11.62
CA ASP B 150 -17.00 25.09 -12.41
C ASP B 150 -15.68 25.73 -12.91
N ASN B 151 -14.88 24.91 -13.59
CA ASN B 151 -13.59 25.33 -14.13
C ASN B 151 -12.55 25.73 -13.13
N ALA B 152 -12.82 25.62 -11.86
CA ALA B 152 -11.83 25.98 -10.84
C ALA B 152 -11.04 24.72 -10.38
N LEU B 153 -9.73 24.79 -10.48
CA LEU B 153 -8.84 23.69 -10.08
C LEU B 153 -8.96 23.46 -8.60
N GLN B 154 -9.04 22.20 -8.18
CA GLN B 154 -9.20 21.84 -6.76
C GLN B 154 -7.90 21.36 -6.19
N SER B 155 -7.71 21.51 -4.89
CA SER B 155 -6.57 20.88 -4.20
C SER B 155 -6.85 20.53 -2.72
N GLY B 156 -6.29 19.40 -2.26
CA GLY B 156 -6.39 18.97 -0.86
C GLY B 156 -7.71 18.29 -0.44
N ASN B 157 -8.66 18.16 -1.37
CA ASN B 157 -9.97 17.59 -1.06
C ASN B 157 -10.22 16.23 -1.81
N SER B 158 -9.13 15.61 -2.22
CA SER B 158 -9.21 14.31 -2.93
C SER B 158 -8.18 13.30 -2.47
N GLN B 159 -8.49 12.01 -2.68
CA GLN B 159 -7.59 10.91 -2.36
C GLN B 159 -7.61 9.90 -3.50
N GLU B 160 -6.44 9.37 -3.78
CA GLU B 160 -6.25 8.40 -4.86
C GLU B 160 -5.96 7.03 -4.35
N SER B 161 -6.34 6.00 -5.10
CA SER B 161 -5.94 4.65 -4.78
C SER B 161 -5.62 3.92 -6.09
N VAL B 162 -4.59 3.08 -6.07
CA VAL B 162 -4.15 2.37 -7.27
CA VAL B 162 -4.18 2.37 -7.28
C VAL B 162 -4.06 0.86 -7.05
N THR B 163 -4.48 0.08 -8.05
CA THR B 163 -4.38 -1.38 -7.92
C THR B 163 -2.95 -1.81 -8.14
N GLU B 164 -2.66 -3.05 -7.76
CA GLU B 164 -1.40 -3.69 -8.16
C GLU B 164 -1.54 -4.12 -9.60
N GLN B 165 -0.39 -4.32 -10.25
CA GLN B 165 -0.42 -4.72 -11.64
C GLN B 165 -1.32 -5.93 -11.88
N ASP B 166 -2.19 -5.85 -12.87
CA ASP B 166 -3.10 -6.96 -13.14
C ASP B 166 -2.37 -8.22 -13.56
N SER B 167 -2.74 -9.36 -12.99
CA SER B 167 -1.97 -10.58 -13.25
C SER B 167 -2.11 -11.13 -14.68
N LYS B 168 -3.12 -10.71 -15.46
CA LYS B 168 -3.36 -11.21 -16.81
C LYS B 168 -2.87 -10.20 -17.86
N ASP B 169 -3.17 -8.90 -17.67
CA ASP B 169 -2.82 -7.91 -18.69
C ASP B 169 -1.73 -6.88 -18.28
N SER B 170 -1.22 -6.98 -17.06
CA SER B 170 -0.16 -6.11 -16.54
C SER B 170 -0.49 -4.60 -16.51
N THR B 171 -1.77 -4.25 -16.58
CA THR B 171 -2.19 -2.86 -16.41
C THR B 171 -2.46 -2.47 -14.95
N TYR B 172 -2.59 -1.16 -14.77
CA TYR B 172 -3.03 -0.55 -13.52
C TYR B 172 -4.39 0.11 -13.69
N SER B 173 -5.13 0.20 -12.59
CA SER B 173 -6.30 1.07 -12.55
C SER B 173 -6.21 1.96 -11.32
N LEU B 174 -6.87 3.11 -11.40
CA LEU B 174 -6.78 4.16 -10.37
C LEU B 174 -8.13 4.81 -10.13
N SER B 175 -8.40 5.07 -8.86
CA SER B 175 -9.57 5.85 -8.46
C SER B 175 -9.11 7.14 -7.80
N SER B 176 -9.81 8.23 -8.13
CA SER B 176 -9.63 9.50 -7.42
C SER B 176 -11.01 9.90 -6.92
N THR B 177 -11.10 10.21 -5.62
CA THR B 177 -12.36 10.56 -4.99
C THR B 177 -12.29 11.97 -4.42
N LEU B 178 -13.18 12.83 -4.89
CA LEU B 178 -13.31 14.21 -4.43
C LEU B 178 -14.40 14.19 -3.34
N THR B 179 -14.11 14.71 -2.15
CA THR B 179 -15.12 14.69 -1.10
C THR B 179 -15.47 16.11 -0.70
N LEU B 180 -16.76 16.41 -0.68
CA LEU B 180 -17.28 17.74 -0.31
C LEU B 180 -18.45 17.57 0.65
N SER B 181 -18.68 18.56 1.52
CA SER B 181 -19.94 18.57 2.25
C SER B 181 -21.07 18.78 1.24
N LYS B 182 -22.26 18.32 1.60
CA LYS B 182 -23.45 18.57 0.79
C LYS B 182 -23.62 20.06 0.42
N ALA B 183 -23.35 20.93 1.39
CA ALA B 183 -23.61 22.36 1.20
C ALA B 183 -22.61 22.93 0.20
N ASP B 184 -21.34 22.56 0.38
CA ASP B 184 -20.28 22.93 -0.56
C ASP B 184 -20.56 22.34 -1.94
N TYR B 185 -21.00 21.08 -2.01
CA TYR B 185 -21.34 20.45 -3.29
C TYR B 185 -22.44 21.21 -4.04
N GLU B 186 -23.41 21.74 -3.29
CA GLU B 186 -24.55 22.42 -3.87
C GLU B 186 -24.27 23.84 -4.36
N LYS B 187 -23.14 24.41 -3.99
CA LYS B 187 -22.72 25.73 -4.51
C LYS B 187 -22.36 25.74 -6.01
N HIS B 188 -21.93 24.58 -6.53
CA HIS B 188 -21.36 24.52 -7.88
C HIS B 188 -22.15 23.67 -8.84
N LYS B 189 -21.95 23.90 -10.15
CA LYS B 189 -22.66 23.19 -11.21
C LYS B 189 -21.82 22.07 -11.82
N VAL B 190 -20.70 22.46 -12.42
CA VAL B 190 -19.92 21.56 -13.28
C VAL B 190 -18.76 20.89 -12.52
N TYR B 191 -18.76 19.54 -12.53
CA TYR B 191 -17.75 18.75 -11.86
C TYR B 191 -16.98 17.98 -12.90
N ALA B 192 -15.66 18.16 -12.93
CA ALA B 192 -14.82 17.50 -13.95
C ALA B 192 -13.52 16.89 -13.42
N CYS B 193 -13.18 15.75 -14.01
CA CYS B 193 -11.93 15.07 -13.79
CA CYS B 193 -11.84 15.20 -13.78
C CYS B 193 -11.08 15.15 -15.07
N GLU B 194 -9.89 15.70 -15.00
CA GLU B 194 -9.01 15.88 -16.15
C GLU B 194 -7.80 14.94 -15.97
N VAL B 195 -7.55 14.09 -16.97
CA VAL B 195 -6.56 13.02 -16.88
C VAL B 195 -5.47 13.21 -17.93
N THR B 196 -4.25 13.15 -17.43
CA THR B 196 -3.02 13.19 -18.23
C THR B 196 -2.27 11.90 -18.10
N HIS B 197 -1.77 11.39 -19.23
CA HIS B 197 -1.09 10.11 -19.29
C HIS B 197 -0.36 10.01 -20.64
N GLN B 198 0.79 9.32 -20.63
CA GLN B 198 1.63 9.08 -21.81
C GLN B 198 0.86 8.57 -23.05
N GLY B 199 -0.12 7.73 -22.82
CA GLY B 199 -0.93 7.15 -23.88
C GLY B 199 -1.96 8.08 -24.51
N LEU B 200 -2.16 9.29 -23.99
CA LEU B 200 -3.21 10.22 -24.42
C LEU B 200 -2.47 11.39 -25.12
N SER B 201 -2.86 11.71 -26.34
CA SER B 201 -2.13 12.74 -27.08
C SER B 201 -2.50 14.12 -26.50
N SER B 202 -3.57 14.16 -25.72
CA SER B 202 -3.94 15.36 -24.93
C SER B 202 -4.83 14.94 -23.79
N PRO B 203 -4.99 15.80 -22.77
CA PRO B 203 -5.73 15.37 -21.59
C PRO B 203 -7.16 15.05 -21.89
N VAL B 204 -7.68 14.06 -21.16
CA VAL B 204 -9.07 13.66 -21.29
C VAL B 204 -9.83 14.18 -20.09
N THR B 205 -10.95 14.83 -20.35
CA THR B 205 -11.84 15.34 -19.30
C THR B 205 -13.23 14.69 -19.36
N LYS B 206 -13.65 14.17 -18.22
CA LYS B 206 -15.02 13.70 -18.05
C LYS B 206 -15.68 14.62 -17.03
N SER B 207 -16.93 14.98 -17.31
CA SER B 207 -17.60 15.98 -16.47
C SER B 207 -19.08 15.71 -16.46
N PHE B 208 -19.75 16.29 -15.49
CA PHE B 208 -21.22 16.34 -15.43
C PHE B 208 -21.66 17.63 -14.77
N ASN B 209 -22.97 17.93 -14.89
CA ASN B 209 -23.60 19.07 -14.23
C ASN B 209 -24.46 18.55 -13.11
N ARG B 210 -24.24 19.04 -11.91
CA ARG B 210 -24.99 18.58 -10.74
C ARG B 210 -26.50 18.58 -10.96
N GLY B 211 -27.13 17.42 -10.78
CA GLY B 211 -28.58 17.26 -10.94
C GLY B 211 -29.09 16.90 -12.33
N GLU B 212 -28.24 17.01 -13.35
CA GLU B 212 -28.67 16.86 -14.74
C GLU B 212 -28.54 15.42 -15.19
#